data_2Y8G
#
_entry.id   2Y8G
#
_cell.length_a   61.320
_cell.length_b   61.320
_cell.length_c   137.200
_cell.angle_alpha   90.00
_cell.angle_beta   90.00
_cell.angle_gamma   120.00
#
_symmetry.space_group_name_H-M   'P 31 2 1'
#
loop_
_entity.id
_entity.type
_entity.pdbx_description
1 polymer 'RAN-BINDING PROTEIN 3'
2 non-polymer 'SULFATE ION'
3 water water
#
_entity_poly.entity_id   1
_entity_poly.type   'polypeptide(L)'
_entity_poly.pdbx_seq_one_letter_code
;GAMKVEVITGEEAESNVLQMQCKLFVFDKTSQSWVAVGRGLLRLNDMASTDDGTLQSRLVMRTQGSLRLILNTKLWAQMQ
IDKASEKSIRITAMDTEDQGVKVFLISASSKDTGQLYAALHHRILALRSRVEQEQEAK
;
_entity_poly.pdbx_strand_id   A,B
#
loop_
_chem_comp.id
_chem_comp.type
_chem_comp.name
_chem_comp.formula
SO4 non-polymer 'SULFATE ION' 'O4 S -2'
#
# COMPACT_ATOMS: atom_id res chain seq x y z
N GLU A 14 -10.51 3.84 -8.42
CA GLU A 14 -9.92 3.11 -7.32
C GLU A 14 -8.74 2.24 -7.76
N SER A 15 -7.80 2.04 -6.86
CA SER A 15 -6.69 1.11 -7.07
C SER A 15 -6.66 0.12 -5.92
N ASN A 16 -6.55 -1.16 -6.22
CA ASN A 16 -6.44 -2.15 -5.17
C ASN A 16 -5.05 -2.16 -4.53
N VAL A 17 -5.02 -2.10 -3.20
CA VAL A 17 -3.77 -2.09 -2.45
C VAL A 17 -3.39 -3.51 -2.08
N LEU A 18 -4.34 -4.25 -1.53
CA LEU A 18 -4.13 -5.66 -1.22
C LEU A 18 -5.43 -6.43 -1.27
N GLN A 19 -5.30 -7.74 -1.47
CA GLN A 19 -6.42 -8.65 -1.46
C GLN A 19 -6.01 -9.88 -0.66
N MET A 20 -6.91 -10.35 0.20
CA MET A 20 -6.58 -11.47 1.07
C MET A 20 -7.82 -12.28 1.42
N GLN A 21 -7.62 -13.59 1.54
CA GLN A 21 -8.64 -14.47 2.10
C GLN A 21 -8.69 -14.23 3.60
N CYS A 22 -9.90 -14.14 4.16
CA CYS A 22 -10.03 -13.97 5.60
C CYS A 22 -11.40 -14.35 6.11
N LYS A 23 -11.59 -14.21 7.42
CA LYS A 23 -12.87 -14.48 8.05
C LYS A 23 -13.31 -13.23 8.82
N LEU A 24 -14.57 -12.87 8.69
CA LEU A 24 -15.12 -11.68 9.30
C LEU A 24 -16.03 -12.05 10.46
N PHE A 25 -15.91 -11.30 11.56
CA PHE A 25 -16.80 -11.43 12.71
C PHE A 25 -17.35 -10.05 13.02
N VAL A 26 -18.58 -10.01 13.53
CA VAL A 26 -19.12 -8.77 14.07
C VAL A 26 -19.29 -8.92 15.57
N PHE A 27 -19.09 -7.84 16.31
CA PHE A 27 -19.28 -7.91 17.76
C PHE A 27 -20.73 -7.70 18.13
N ASP A 28 -21.29 -8.66 18.85
CA ASP A 28 -22.68 -8.60 19.28
C ASP A 28 -22.73 -8.10 20.71
N LYS A 29 -23.30 -6.91 20.90
CA LYS A 29 -23.41 -6.29 22.21
C LYS A 29 -24.31 -7.10 23.14
N THR A 30 -25.29 -7.81 22.58
CA THR A 30 -26.24 -8.55 23.40
C THR A 30 -25.58 -9.71 24.13
N SER A 31 -24.85 -10.54 23.40
CA SER A 31 -24.18 -11.68 23.98
C SER A 31 -22.75 -11.33 24.40
N GLN A 32 -22.31 -10.11 24.08
CA GLN A 32 -20.96 -9.66 24.35
C GLN A 32 -19.95 -10.67 23.81
N SER A 33 -20.17 -11.09 22.58
CA SER A 33 -19.30 -12.07 21.95
C SER A 33 -19.18 -11.80 20.46
N TRP A 34 -18.15 -12.36 19.85
CA TRP A 34 -17.98 -12.29 18.41
C TRP A 34 -18.96 -13.23 17.73
N VAL A 35 -19.64 -12.73 16.69
CA VAL A 35 -20.49 -13.56 15.86
C VAL A 35 -19.85 -13.67 14.48
N ALA A 36 -19.53 -14.89 14.08
CA ALA A 36 -18.89 -15.10 12.78
C ALA A 36 -19.84 -14.84 11.62
N VAL A 37 -19.42 -13.96 10.71
CA VAL A 37 -20.11 -13.73 9.45
C VAL A 37 -19.68 -14.77 8.42
N GLY A 38 -18.39 -15.07 8.42
CA GLY A 38 -17.87 -16.10 7.53
C GLY A 38 -16.70 -15.62 6.70
N ARG A 39 -16.28 -16.46 5.75
CA ARG A 39 -15.10 -16.19 4.96
C ARG A 39 -15.40 -15.44 3.69
N GLY A 40 -14.36 -14.85 3.11
CA GLY A 40 -14.51 -14.13 1.86
C GLY A 40 -13.18 -13.56 1.43
N LEU A 41 -13.18 -12.87 0.31
CA LEU A 41 -12.01 -12.15 -0.16
C LEU A 41 -12.15 -10.70 0.23
N LEU A 42 -11.17 -10.20 0.99
CA LEU A 42 -11.15 -8.83 1.45
C LEU A 42 -10.18 -8.02 0.59
N ARG A 43 -10.62 -6.84 0.18
CA ARG A 43 -9.74 -5.92 -0.54
C ARG A 43 -9.66 -4.60 0.21
N LEU A 44 -8.46 -4.01 0.21
CA LEU A 44 -8.29 -2.64 0.65
C LEU A 44 -8.05 -1.83 -0.61
N ASN A 45 -8.92 -0.86 -0.87
CA ASN A 45 -8.84 -0.06 -2.08
C ASN A 45 -8.57 1.39 -1.76
N ASP A 46 -7.71 2.02 -2.56
CA ASP A 46 -7.42 3.44 -2.45
C ASP A 46 -8.11 4.19 -3.58
N MET A 47 -8.64 5.37 -3.26
CA MET A 47 -9.12 6.28 -4.30
C MET A 47 -8.56 7.67 -4.06
N ALA A 48 -7.73 8.15 -4.98
CA ALA A 48 -7.13 9.47 -4.85
C ALA A 48 -7.96 10.51 -5.58
N SER A 49 -8.21 11.63 -4.92
CA SER A 49 -8.92 12.74 -5.55
C SER A 49 -8.10 13.30 -6.71
N THR A 50 -8.76 13.59 -7.82
CA THR A 50 -8.08 14.12 -8.99
C THR A 50 -7.91 15.64 -8.89
N ASP A 51 -8.38 16.22 -7.79
CA ASP A 51 -8.29 17.65 -7.57
C ASP A 51 -7.29 17.98 -6.49
N ASP A 52 -7.27 17.17 -5.43
CA ASP A 52 -6.43 17.42 -4.27
C ASP A 52 -5.41 16.29 -4.08
N GLY A 53 -5.57 15.23 -4.85
CA GLY A 53 -4.74 14.05 -4.66
C GLY A 53 -5.07 13.39 -3.32
N THR A 54 -5.99 14.00 -2.58
CA THR A 54 -6.37 13.52 -1.25
C THR A 54 -6.85 12.08 -1.32
N LEU A 55 -6.56 11.31 -0.27
CA LEU A 55 -6.78 9.88 -0.30
C LEU A 55 -7.99 9.43 0.52
N GLN A 56 -8.84 8.64 -0.11
CA GLN A 56 -9.86 7.91 0.63
C GLN A 56 -9.64 6.42 0.38
N SER A 57 -9.88 5.62 1.40
CA SER A 57 -9.66 4.19 1.30
C SER A 57 -10.85 3.46 1.87
N ARG A 58 -11.07 2.24 1.39
CA ARG A 58 -12.15 1.42 1.95
C ARG A 58 -11.77 -0.04 1.98
N LEU A 59 -12.42 -0.76 2.89
CA LEU A 59 -12.33 -2.20 2.97
C LEU A 59 -13.58 -2.79 2.37
N VAL A 60 -13.43 -3.64 1.37
CA VAL A 60 -14.55 -4.28 0.69
C VAL A 60 -14.36 -5.79 0.73
N MET A 61 -15.43 -6.51 1.07
CA MET A 61 -15.34 -7.95 1.21
C MET A 61 -16.55 -8.63 0.59
N ARG A 62 -16.30 -9.68 -0.20
CA ARG A 62 -17.38 -10.49 -0.76
C ARG A 62 -17.19 -11.95 -0.38
N THR A 63 -18.31 -12.66 -0.23
CA THR A 63 -18.24 -14.09 0.04
C THR A 63 -17.53 -14.79 -1.12
N GLN A 64 -16.84 -15.89 -0.80
CA GLN A 64 -16.28 -16.72 -1.86
C GLN A 64 -17.41 -17.51 -2.51
N GLY A 65 -17.24 -17.84 -3.78
CA GLY A 65 -18.23 -18.60 -4.51
C GLY A 65 -19.36 -17.72 -5.01
N SER A 66 -20.16 -17.21 -4.07
CA SER A 66 -21.36 -16.45 -4.40
C SER A 66 -21.11 -14.95 -4.59
N LEU A 67 -19.92 -14.48 -4.21
CA LEU A 67 -19.53 -13.08 -4.45
C LEU A 67 -20.53 -12.06 -3.90
N ARG A 68 -21.08 -12.33 -2.72
CA ARG A 68 -22.04 -11.40 -2.13
C ARG A 68 -21.34 -10.44 -1.19
N LEU A 69 -21.74 -9.17 -1.26
CA LEU A 69 -21.13 -8.12 -0.45
C LEU A 69 -21.40 -8.30 1.05
N ILE A 70 -20.33 -8.36 1.85
CA ILE A 70 -20.48 -8.48 3.31
C ILE A 70 -19.63 -7.46 4.08
N LEU A 71 -18.93 -6.60 3.36
CA LEU A 71 -18.24 -5.48 4.00
C LEU A 71 -17.97 -4.40 2.97
N ASN A 72 -18.21 -3.15 3.37
CA ASN A 72 -17.89 -1.99 2.55
C ASN A 72 -17.74 -0.79 3.46
N THR A 73 -16.56 -0.66 4.05
CA THR A 73 -16.33 0.28 5.13
C THR A 73 -15.21 1.24 4.77
N LYS A 74 -15.53 2.52 4.76
CA LYS A 74 -14.54 3.56 4.49
C LYS A 74 -13.67 3.79 5.71
N LEU A 75 -12.39 4.04 5.49
CA LEU A 75 -11.46 4.41 6.56
C LEU A 75 -11.70 5.85 6.98
N TRP A 76 -11.71 6.09 8.29
CA TRP A 76 -11.82 7.42 8.86
C TRP A 76 -10.77 7.60 9.94
N ALA A 77 -10.37 8.85 10.20
CA ALA A 77 -9.37 9.14 11.23
C ALA A 77 -9.73 8.54 12.58
N GLN A 78 -11.01 8.53 12.92
CA GLN A 78 -11.44 8.07 14.24
C GLN A 78 -11.54 6.56 14.35
N MET A 79 -11.37 5.86 13.22
CA MET A 79 -11.32 4.41 13.20
C MET A 79 -10.14 3.93 14.06
N GLN A 80 -10.40 2.93 14.89
CA GLN A 80 -9.34 2.36 15.72
C GLN A 80 -9.03 0.94 15.29
N ILE A 81 -7.75 0.63 15.18
CA ILE A 81 -7.32 -0.69 14.79
C ILE A 81 -6.39 -1.29 15.83
N ASP A 82 -6.70 -2.51 16.24
CA ASP A 82 -5.91 -3.19 17.26
C ASP A 82 -5.60 -4.59 16.79
N LYS A 83 -4.33 -4.96 16.84
CA LYS A 83 -3.94 -6.33 16.54
C LYS A 83 -4.35 -7.17 17.74
N ALA A 84 -5.51 -7.82 17.64
CA ALA A 84 -6.09 -8.59 18.73
C ALA A 84 -5.36 -9.90 18.96
N SER A 85 -4.62 -10.33 17.95
CA SER A 85 -3.80 -11.52 18.05
C SER A 85 -2.89 -11.54 16.84
N GLU A 86 -2.00 -12.53 16.77
CA GLU A 86 -1.10 -12.66 15.64
C GLU A 86 -1.89 -12.85 14.34
N LYS A 87 -3.14 -13.30 14.46
CA LYS A 87 -3.91 -13.67 13.27
C LYS A 87 -5.25 -12.93 13.19
N SER A 88 -5.39 -11.86 13.95
CA SER A 88 -6.64 -11.10 13.91
C SER A 88 -6.48 -9.62 14.22
N ILE A 89 -7.36 -8.82 13.62
CA ILE A 89 -7.37 -7.38 13.81
C ILE A 89 -8.78 -6.94 14.18
N ARG A 90 -8.89 -6.18 15.27
CA ARG A 90 -10.17 -5.59 15.67
C ARG A 90 -10.29 -4.19 15.11
N ILE A 91 -11.42 -3.89 14.46
CA ILE A 91 -11.63 -2.59 13.84
C ILE A 91 -12.95 -1.95 14.28
N THR A 92 -12.94 -0.64 14.47
CA THR A 92 -14.18 0.08 14.69
C THR A 92 -14.65 0.73 13.39
N ALA A 93 -15.93 1.10 13.35
CA ALA A 93 -16.51 1.77 12.20
C ALA A 93 -17.57 2.76 12.63
N MET A 94 -17.93 3.69 11.75
CA MET A 94 -18.98 4.66 12.05
C MET A 94 -20.33 4.20 11.54
N ASP A 95 -21.36 4.99 11.82
CA ASP A 95 -22.70 4.69 11.37
C ASP A 95 -23.45 3.79 12.33
N ASP A 98 -30.65 3.13 13.95
CA ASP A 98 -29.27 2.77 14.16
C ASP A 98 -29.03 1.28 14.10
N GLN A 99 -28.82 0.66 15.26
CA GLN A 99 -28.65 -0.79 15.36
C GLN A 99 -27.43 -1.30 14.58
N GLY A 100 -26.63 -0.39 14.06
CA GLY A 100 -25.46 -0.78 13.29
C GLY A 100 -24.37 -1.41 14.14
N VAL A 101 -23.64 -2.36 13.55
CA VAL A 101 -22.50 -2.97 14.22
C VAL A 101 -21.33 -2.00 14.22
N LYS A 102 -20.74 -1.78 15.39
CA LYS A 102 -19.69 -0.78 15.55
C LYS A 102 -18.29 -1.40 15.49
N VAL A 103 -18.17 -2.64 15.94
CA VAL A 103 -16.87 -3.28 16.06
C VAL A 103 -16.85 -4.58 15.27
N PHE A 104 -15.82 -4.77 14.45
CA PHE A 104 -15.67 -6.04 13.76
C PHE A 104 -14.26 -6.60 13.87
N LEU A 105 -14.11 -7.87 13.48
CA LEU A 105 -12.85 -8.57 13.61
C LEU A 105 -12.53 -9.24 12.29
N ILE A 106 -11.29 -9.11 11.85
CA ILE A 106 -10.81 -9.81 10.67
C ILE A 106 -9.73 -10.79 11.07
N SER A 107 -9.98 -12.07 10.80
CA SER A 107 -9.03 -13.14 11.09
C SER A 107 -8.43 -13.65 9.79
N ALA A 108 -7.13 -13.91 9.79
CA ALA A 108 -6.44 -14.33 8.59
C ALA A 108 -5.13 -15.04 8.94
N SER A 109 -4.33 -15.36 7.93
CA SER A 109 -3.01 -15.89 8.19
C SER A 109 -2.21 -14.82 8.92
N SER A 110 -1.17 -15.24 9.64
CA SER A 110 -0.30 -14.29 10.32
C SER A 110 0.25 -13.29 9.31
N LYS A 111 0.68 -13.80 8.15
CA LYS A 111 1.28 -12.93 7.15
C LYS A 111 0.31 -11.88 6.63
N ASP A 112 -0.89 -12.31 6.24
CA ASP A 112 -1.89 -11.38 5.73
C ASP A 112 -2.34 -10.37 6.80
N THR A 113 -2.45 -10.84 8.03
CA THR A 113 -2.84 -9.96 9.14
C THR A 113 -1.81 -8.84 9.31
N GLY A 114 -0.53 -9.19 9.26
CA GLY A 114 0.52 -8.20 9.40
C GLY A 114 0.48 -7.18 8.29
N GLN A 115 0.29 -7.66 7.06
CA GLN A 115 0.19 -6.77 5.91
C GLN A 115 -1.03 -5.84 6.01
N LEU A 116 -2.17 -6.40 6.38
CA LEU A 116 -3.38 -5.60 6.52
C LEU A 116 -3.23 -4.56 7.61
N TYR A 117 -2.69 -4.96 8.76
CA TYR A 117 -2.51 -4.02 9.85
C TYR A 117 -1.60 -2.85 9.43
N ALA A 118 -0.48 -3.15 8.80
CA ALA A 118 0.45 -2.11 8.38
C ALA A 118 -0.24 -1.14 7.42
N ALA A 119 -1.00 -1.68 6.48
CA ALA A 119 -1.65 -0.86 5.45
C ALA A 119 -2.71 0.05 6.06
N LEU A 120 -3.47 -0.48 7.01
CA LEU A 120 -4.50 0.30 7.67
C LEU A 120 -3.86 1.35 8.58
N HIS A 121 -2.82 0.95 9.30
CA HIS A 121 -2.16 1.82 10.24
C HIS A 121 -1.65 3.10 9.57
N HIS A 122 -0.96 2.95 8.45
CA HIS A 122 -0.42 4.13 7.78
C HIS A 122 -1.48 5.02 7.17
N ARG A 123 -2.55 4.43 6.65
CA ARG A 123 -3.63 5.22 6.10
C ARG A 123 -4.36 6.00 7.18
N ILE A 124 -4.61 5.35 8.32
CA ILE A 124 -5.29 6.02 9.43
C ILE A 124 -4.42 7.11 10.03
N LEU A 125 -3.12 6.84 10.10
CA LEU A 125 -2.17 7.83 10.62
C LEU A 125 -2.18 9.08 9.73
N ALA A 126 -2.24 8.87 8.42
CA ALA A 126 -2.31 10.00 7.48
C ALA A 126 -3.59 10.80 7.67
N LEU A 127 -4.71 10.09 7.81
CA LEU A 127 -6.01 10.74 8.02
C LEU A 127 -6.04 11.54 9.32
N ARG A 128 -5.44 10.97 10.37
CA ARG A 128 -5.39 11.64 11.67
C ARG A 128 -4.56 12.91 11.63
N SER A 129 -3.42 12.84 10.94
CA SER A 129 -2.56 14.00 10.75
C SER A 129 -3.34 15.11 10.06
N ARG A 130 -4.10 14.73 9.05
CA ARG A 130 -4.88 15.70 8.27
C ARG A 130 -5.95 16.35 9.14
N VAL A 131 -6.65 15.54 9.93
CA VAL A 131 -7.73 16.05 10.76
C VAL A 131 -7.23 17.02 11.83
N GLU A 132 -6.12 16.69 12.48
CA GLU A 132 -5.64 17.55 13.54
C GLU A 132 -5.16 18.89 12.98
N GLN A 133 -4.64 18.88 11.76
CA GLN A 133 -4.21 20.12 11.13
C GLN A 133 -5.40 20.96 10.67
N GLU A 134 -6.45 20.30 10.18
CA GLU A 134 -7.60 21.00 9.62
C GLU A 134 -8.63 21.42 10.67
N GLN A 135 -8.81 20.58 11.68
CA GLN A 135 -9.93 20.76 12.62
C GLN A 135 -9.53 20.97 14.07
N GLU A 136 -8.25 20.79 14.39
CA GLU A 136 -7.79 20.86 15.77
C GLU A 136 -6.69 21.89 15.97
N ALA A 137 -6.54 22.78 15.01
CA ALA A 137 -5.60 23.90 15.12
C ALA A 137 -4.17 23.40 15.37
N LYS A 138 -3.81 22.28 15.00
N ALA B 13 7.53 0.13 10.53
CA ALA B 13 7.35 1.56 10.32
C ALA B 13 7.03 1.89 8.85
N GLU B 14 6.89 0.86 8.03
CA GLU B 14 6.39 1.03 6.66
C GLU B 14 5.47 -0.12 6.28
N SER B 15 4.59 0.15 5.31
CA SER B 15 3.65 -0.87 4.83
C SER B 15 4.10 -1.39 3.47
N ASN B 16 4.37 -2.69 3.37
CA ASN B 16 4.76 -3.26 2.09
C ASN B 16 3.59 -3.41 1.13
N VAL B 17 3.73 -2.86 -0.06
CA VAL B 17 2.71 -3.00 -1.09
C VAL B 17 3.00 -4.25 -1.91
N LEU B 18 4.25 -4.39 -2.33
CA LEU B 18 4.68 -5.60 -3.01
C LEU B 18 6.16 -5.84 -2.82
N GLN B 19 6.55 -7.10 -2.99
CA GLN B 19 7.94 -7.51 -2.93
C GLN B 19 8.19 -8.44 -4.10
N MET B 20 9.31 -8.24 -4.80
CA MET B 20 9.57 -9.01 -6.01
C MET B 20 11.05 -9.23 -6.22
N GLN B 21 11.38 -10.42 -6.69
CA GLN B 21 12.73 -10.71 -7.12
C GLN B 21 12.96 -10.00 -8.45
N CYS B 22 14.12 -9.37 -8.61
CA CYS B 22 14.41 -8.72 -9.88
C CYS B 22 15.89 -8.42 -10.03
N LYS B 23 16.26 -7.94 -11.21
CA LYS B 23 17.62 -7.49 -11.45
C LYS B 23 17.58 -6.03 -11.82
N LEU B 24 18.50 -5.26 -11.24
CA LEU B 24 18.51 -3.82 -11.42
C LEU B 24 19.71 -3.39 -12.27
N PHE B 25 19.45 -2.59 -13.29
CA PHE B 25 20.51 -1.99 -14.10
C PHE B 25 20.43 -0.49 -13.94
N VAL B 26 21.55 0.19 -14.18
CA VAL B 26 21.54 1.64 -14.14
C VAL B 26 22.38 2.18 -15.29
N PHE B 27 22.01 3.34 -15.81
CA PHE B 27 22.93 4.03 -16.69
C PHE B 27 23.96 4.75 -15.84
N ASP B 28 25.16 4.19 -15.80
CA ASP B 28 26.24 4.70 -14.97
C ASP B 28 26.87 5.91 -15.63
N LYS B 29 26.81 7.05 -14.94
CA LYS B 29 27.32 8.29 -15.52
C LYS B 29 28.84 8.33 -15.57
N THR B 30 29.49 7.58 -14.69
CA THR B 30 30.95 7.53 -14.68
C THR B 30 31.51 6.83 -15.92
N SER B 31 30.91 5.72 -16.30
CA SER B 31 31.38 4.96 -17.46
C SER B 31 30.57 5.29 -18.70
N GLN B 32 29.50 6.08 -18.52
CA GLN B 32 28.59 6.39 -19.60
C GLN B 32 28.07 5.12 -20.27
N SER B 33 27.65 4.16 -19.45
CA SER B 33 27.20 2.89 -19.97
C SER B 33 26.25 2.20 -19.00
N TRP B 34 25.51 1.23 -19.53
CA TRP B 34 24.62 0.42 -18.71
C TRP B 34 25.43 -0.59 -17.90
N VAL B 35 25.13 -0.65 -16.61
CA VAL B 35 25.81 -1.57 -15.72
C VAL B 35 24.78 -2.31 -14.89
N ALA B 36 25.06 -3.58 -14.62
CA ALA B 36 24.21 -4.37 -13.72
C ALA B 36 24.56 -3.95 -12.30
N VAL B 37 23.55 -3.52 -11.55
CA VAL B 37 23.75 -3.09 -10.17
C VAL B 37 23.68 -4.27 -9.21
N GLY B 38 22.69 -5.14 -9.42
CA GLY B 38 22.56 -6.34 -8.61
C GLY B 38 21.23 -7.03 -8.75
N ARG B 39 21.11 -8.19 -8.12
CA ARG B 39 19.88 -8.97 -8.14
C ARG B 39 19.41 -9.12 -6.70
N GLY B 40 18.10 -9.11 -6.49
CA GLY B 40 17.59 -9.25 -5.14
C GLY B 40 16.12 -8.90 -5.04
N LEU B 41 15.69 -8.61 -3.82
CA LEU B 41 14.29 -8.28 -3.56
C LEU B 41 14.06 -6.79 -3.59
N LEU B 42 13.13 -6.37 -4.43
CA LEU B 42 12.67 -4.98 -4.48
C LEU B 42 11.36 -4.89 -3.75
N ARG B 43 11.20 -3.84 -2.95
CA ARG B 43 9.95 -3.57 -2.24
C ARG B 43 9.43 -2.18 -2.59
N LEU B 44 8.13 -2.09 -2.85
CA LEU B 44 7.42 -0.83 -2.89
C LEU B 44 6.66 -0.74 -1.58
N ASN B 45 6.93 0.32 -0.82
CA ASN B 45 6.30 0.53 0.48
C ASN B 45 5.53 1.84 0.51
N ASP B 46 4.44 1.86 1.27
CA ASP B 46 3.72 3.08 1.59
C ASP B 46 4.04 3.43 3.04
N MET B 47 4.06 4.73 3.36
CA MET B 47 4.19 5.14 4.75
C MET B 47 3.55 6.51 4.97
N ALA B 48 3.01 6.71 6.16
CA ALA B 48 2.38 7.97 6.50
C ALA B 48 3.39 9.09 6.57
N SER B 49 3.01 10.26 6.08
CA SER B 49 3.76 11.49 6.30
C SER B 49 2.92 12.38 7.19
N THR B 50 3.25 12.42 8.48
CA THR B 50 2.43 13.14 9.45
C THR B 50 2.65 14.66 9.41
N ASP B 51 3.70 15.08 8.71
CA ASP B 51 3.93 16.51 8.51
C ASP B 51 2.89 17.06 7.54
N ASP B 52 2.54 16.24 6.55
CA ASP B 52 1.68 16.63 5.44
C ASP B 52 0.25 16.13 5.60
N GLY B 53 0.09 15.04 6.36
CA GLY B 53 -1.19 14.36 6.41
C GLY B 53 -1.41 13.64 5.09
N THR B 54 -0.35 13.07 4.54
CA THR B 54 -0.43 12.33 3.28
C THR B 54 0.18 10.96 3.42
N LEU B 55 -0.07 10.11 2.43
CA LEU B 55 0.57 8.80 2.35
C LEU B 55 1.64 8.87 1.26
N GLN B 56 2.89 8.63 1.65
CA GLN B 56 3.99 8.64 0.69
C GLN B 56 4.43 7.21 0.38
N SER B 57 5.39 7.07 -0.53
CA SER B 57 5.84 5.75 -0.96
C SER B 57 7.31 5.77 -1.33
N ARG B 58 7.96 4.62 -1.26
CA ARG B 58 9.34 4.51 -1.71
C ARG B 58 9.62 3.15 -2.29
N LEU B 59 10.63 3.08 -3.14
CA LEU B 59 11.16 1.82 -3.64
C LEU B 59 12.46 1.54 -2.93
N VAL B 60 12.61 0.34 -2.39
CA VAL B 60 13.88 -0.06 -1.83
C VAL B 60 14.27 -1.42 -2.39
N MET B 61 15.56 -1.60 -2.63
CA MET B 61 16.04 -2.88 -3.11
C MET B 61 17.36 -3.24 -2.49
N ARG B 62 17.49 -4.49 -2.06
CA ARG B 62 18.72 -4.99 -1.49
C ARG B 62 19.20 -6.22 -2.24
N THR B 63 20.50 -6.33 -2.42
CA THR B 63 21.06 -7.47 -3.13
C THR B 63 20.82 -8.75 -2.34
N GLN B 64 20.61 -9.85 -3.04
CA GLN B 64 20.35 -11.12 -2.38
C GLN B 64 21.53 -11.59 -1.54
N GLY B 65 22.74 -11.40 -2.04
CA GLY B 65 23.90 -11.92 -1.33
C GLY B 65 24.15 -11.21 -0.01
N SER B 66 24.44 -9.92 -0.10
CA SER B 66 24.95 -9.16 1.02
C SER B 66 23.93 -8.20 1.60
N LEU B 67 22.74 -8.16 1.01
CA LEU B 67 21.68 -7.25 1.43
C LEU B 67 22.11 -5.78 1.27
N ARG B 68 23.00 -5.53 0.32
CA ARG B 68 23.44 -4.17 0.05
C ARG B 68 22.27 -3.37 -0.52
N LEU B 69 22.04 -2.20 0.05
CA LEU B 69 21.00 -1.30 -0.45
C LEU B 69 21.44 -0.66 -1.76
N ILE B 70 20.77 -1.04 -2.85
CA ILE B 70 21.14 -0.57 -4.18
C ILE B 70 20.08 0.33 -4.81
N LEU B 71 18.93 0.42 -4.17
CA LEU B 71 17.91 1.37 -4.59
C LEU B 71 17.16 1.85 -3.36
N ASN B 72 16.99 3.17 -3.26
CA ASN B 72 16.24 3.77 -2.18
C ASN B 72 15.73 5.12 -2.65
N THR B 73 14.55 5.12 -3.25
CA THR B 73 13.99 6.32 -3.85
C THR B 73 12.54 6.54 -3.44
N LYS B 74 12.28 7.73 -2.91
CA LYS B 74 10.92 8.14 -2.62
C LYS B 74 10.25 8.46 -3.94
N LEU B 75 8.99 8.05 -4.09
CA LEU B 75 8.24 8.44 -5.28
C LEU B 75 7.94 9.93 -5.21
N TRP B 76 8.00 10.60 -6.35
CA TRP B 76 7.63 12.01 -6.41
C TRP B 76 6.90 12.31 -7.72
N ALA B 77 6.27 13.47 -7.81
CA ALA B 77 5.34 13.76 -8.88
C ALA B 77 5.97 13.74 -10.26
N GLN B 78 7.27 14.04 -10.32
CA GLN B 78 7.95 14.12 -11.61
C GLN B 78 8.76 12.86 -11.95
N MET B 79 8.62 11.81 -11.13
CA MET B 79 9.26 10.54 -11.45
C MET B 79 8.69 10.00 -12.76
N GLN B 80 9.56 9.54 -13.64
CA GLN B 80 9.17 8.95 -14.91
C GLN B 80 9.11 7.45 -14.80
N ILE B 81 8.10 6.85 -15.43
CA ILE B 81 8.05 5.40 -15.53
C ILE B 81 7.67 5.00 -16.95
N ASP B 82 8.38 4.02 -17.47
CA ASP B 82 8.13 3.52 -18.81
C ASP B 82 8.07 2.00 -18.75
N LYS B 83 6.95 1.43 -19.17
CA LYS B 83 6.89 -0.02 -19.29
C LYS B 83 7.54 -0.39 -20.60
N ALA B 84 8.85 -0.66 -20.54
CA ALA B 84 9.65 -0.82 -21.75
C ALA B 84 9.36 -2.13 -22.46
N SER B 85 8.91 -3.11 -21.68
CA SER B 85 8.53 -4.41 -22.21
C SER B 85 7.65 -5.08 -21.18
N GLU B 86 7.14 -6.26 -21.49
CA GLU B 86 6.35 -7.00 -20.52
C GLU B 86 7.16 -7.36 -19.29
N LYS B 87 8.49 -7.29 -19.40
CA LYS B 87 9.36 -7.75 -18.33
C LYS B 87 10.39 -6.72 -17.87
N SER B 88 10.17 -5.45 -18.23
CA SER B 88 11.09 -4.43 -17.77
C SER B 88 10.41 -3.07 -17.61
N ILE B 89 10.83 -2.34 -16.58
CA ILE B 89 10.34 -0.98 -16.33
C ILE B 89 11.54 -0.06 -16.22
N ARG B 90 11.52 1.04 -16.96
CA ARG B 90 12.55 2.05 -16.86
C ARG B 90 12.04 3.18 -15.98
N ILE B 91 12.81 3.60 -14.98
CA ILE B 91 12.38 4.67 -14.11
C ILE B 91 13.46 5.72 -13.94
N THR B 92 13.07 6.92 -13.53
CA THR B 92 14.05 7.88 -13.02
C THR B 92 14.02 7.83 -11.50
N ALA B 93 15.16 8.13 -10.89
CA ALA B 93 15.29 8.16 -9.45
C ALA B 93 16.24 9.31 -9.10
N MET B 94 15.96 10.02 -8.02
CA MET B 94 16.81 11.13 -7.65
C MET B 94 18.23 10.67 -7.30
N ASP B 95 19.21 11.34 -7.89
CA ASP B 95 20.60 11.03 -7.64
C ASP B 95 21.01 11.63 -6.31
N THR B 96 21.08 10.80 -5.28
CA THR B 96 21.37 11.24 -3.93
C THR B 96 22.70 12.00 -3.84
N GLN B 99 21.43 17.06 -7.47
CA GLN B 99 20.13 17.58 -7.89
C GLN B 99 19.64 16.90 -9.15
N GLY B 100 20.44 16.00 -9.70
CA GLY B 100 20.09 15.31 -10.94
C GLY B 100 19.40 13.98 -10.70
N VAL B 101 19.11 13.26 -11.77
CA VAL B 101 18.46 11.97 -11.64
C VAL B 101 19.22 10.89 -12.37
N LYS B 102 19.01 9.65 -11.94
CA LYS B 102 19.59 8.50 -12.62
C LYS B 102 18.48 7.74 -13.31
N VAL B 103 18.83 7.04 -14.36
CA VAL B 103 17.90 6.16 -15.06
C VAL B 103 18.20 4.73 -14.64
N PHE B 104 17.20 4.08 -14.05
CA PHE B 104 17.31 2.69 -13.63
C PHE B 104 16.40 1.83 -14.49
N LEU B 105 16.77 0.56 -14.61
CA LEU B 105 15.97 -0.40 -15.36
C LEU B 105 15.75 -1.61 -14.48
N ILE B 106 14.48 -1.97 -14.28
CA ILE B 106 14.10 -3.09 -13.45
C ILE B 106 13.65 -4.25 -14.33
N SER B 107 14.34 -5.37 -14.21
CA SER B 107 14.07 -6.56 -15.01
C SER B 107 13.46 -7.62 -14.11
N ALA B 108 12.26 -8.06 -14.45
CA ALA B 108 11.51 -8.98 -13.59
C ALA B 108 10.56 -9.84 -14.41
N SER B 109 9.87 -10.74 -13.73
CA SER B 109 8.83 -11.56 -14.36
C SER B 109 7.73 -10.66 -14.92
N SER B 110 6.95 -11.18 -15.86
CA SER B 110 5.86 -10.39 -16.42
C SER B 110 4.83 -10.08 -15.34
N LYS B 111 4.61 -11.03 -14.44
CA LYS B 111 3.68 -10.80 -13.34
C LYS B 111 4.12 -9.61 -12.49
N ASP B 112 5.36 -9.65 -12.02
CA ASP B 112 5.86 -8.63 -11.11
C ASP B 112 6.00 -7.28 -11.80
N THR B 113 6.45 -7.30 -13.05
CA THR B 113 6.54 -6.07 -13.85
C THR B 113 5.18 -5.39 -13.96
N GLY B 114 4.15 -6.15 -14.33
CA GLY B 114 2.82 -5.58 -14.48
C GLY B 114 2.30 -4.99 -13.19
N GLN B 115 2.51 -5.71 -12.08
CA GLN B 115 2.02 -5.27 -10.79
C GLN B 115 2.76 -4.03 -10.32
N LEU B 116 4.08 -4.02 -10.50
CA LEU B 116 4.88 -2.86 -10.10
C LEU B 116 4.50 -1.64 -10.92
N TYR B 117 4.39 -1.80 -12.23
CA TYR B 117 4.05 -0.68 -13.08
C TYR B 117 2.71 -0.06 -12.65
N ALA B 118 1.71 -0.91 -12.43
CA ALA B 118 0.39 -0.42 -12.05
C ALA B 118 0.43 0.31 -10.71
N ALA B 119 1.18 -0.24 -9.76
CA ALA B 119 1.26 0.36 -8.43
C ALA B 119 1.98 1.72 -8.46
N LEU B 120 3.04 1.81 -9.27
CA LEU B 120 3.76 3.08 -9.41
C LEU B 120 2.90 4.12 -10.12
N HIS B 121 2.20 3.67 -11.16
CA HIS B 121 1.36 4.53 -11.99
C HIS B 121 0.32 5.24 -11.11
N HIS B 122 -0.37 4.46 -10.28
CA HIS B 122 -1.40 5.02 -9.41
C HIS B 122 -0.81 6.06 -8.45
N ARG B 123 0.36 5.74 -7.88
CA ARG B 123 0.96 6.60 -6.86
C ARG B 123 1.50 7.90 -7.44
N ILE B 124 2.15 7.82 -8.59
CA ILE B 124 2.66 9.02 -9.22
C ILE B 124 1.53 9.97 -9.61
N LEU B 125 0.45 9.44 -10.19
CA LEU B 125 -0.67 10.29 -10.57
C LEU B 125 -1.32 10.94 -9.34
N ALA B 126 -1.39 10.19 -8.25
CA ALA B 126 -1.91 10.75 -7.00
C ALA B 126 -1.04 11.90 -6.49
N LEU B 127 0.27 11.69 -6.50
CA LEU B 127 1.20 12.75 -6.07
C LEU B 127 1.07 13.98 -6.97
N ARG B 128 0.94 13.75 -8.28
CA ARG B 128 0.81 14.83 -9.25
C ARG B 128 -0.41 15.69 -9.00
N SER B 129 -1.53 15.03 -8.71
CA SER B 129 -2.77 15.75 -8.47
C SER B 129 -2.64 16.72 -7.29
N ARG B 130 -1.87 16.33 -6.28
CA ARG B 130 -1.63 17.19 -5.12
C ARG B 130 -0.79 18.40 -5.50
N VAL B 131 0.25 18.17 -6.30
CA VAL B 131 1.14 19.25 -6.72
C VAL B 131 0.45 20.20 -7.68
N GLU B 132 -0.32 19.64 -8.60
CA GLU B 132 -0.96 20.42 -9.66
C GLU B 132 -2.38 20.82 -9.28
N GLN B 133 -2.72 20.94 -8.10
S SO4 C . -24.53 -8.05 -4.20
O1 SO4 C . -25.75 -8.84 -4.23
O2 SO4 C . -23.61 -8.58 -3.21
O3 SO4 C . -23.89 -8.10 -5.52
O4 SO4 C . -24.85 -6.65 -3.90
S SO4 D . -16.81 -4.47 -5.90
O1 SO4 D . -18.13 -4.09 -5.39
O2 SO4 D . -16.53 -5.87 -5.60
O3 SO4 D . -16.78 -4.28 -7.35
O4 SO4 D . -15.78 -3.62 -5.28
S SO4 E . 7.35 -14.68 -17.15
O1 SO4 E . 5.93 -14.71 -16.79
O2 SO4 E . 8.06 -15.72 -16.42
O3 SO4 E . 7.49 -14.91 -18.58
O4 SO4 E . 7.91 -13.38 -16.80
#